data_9PDX
#
_entry.id   9PDX
#
_cell.length_a   1.00
_cell.length_b   1.00
_cell.length_c   1.00
_cell.angle_alpha   90.00
_cell.angle_beta   90.00
_cell.angle_gamma   90.00
#
_symmetry.space_group_name_H-M   'P 1'
#
loop_
_entity.id
_entity.type
_entity.pdbx_description
1 polymer 'Fusion glycoprotein F0'
2 polymer 'MPV513 Heavy Chain'
3 polymer 'MPV513 Light Chain'
4 branched alpha-D-mannopyranose-(1-3)-[alpha-D-mannopyranose-(1-6)]beta-D-mannopyranose-(1-4)-2-acetamido-2-deoxy-beta-D-glucopyranose-(1-4)-2-acetamido-2-deoxy-beta-D-glucopyranose
5 non-polymer 2-acetamido-2-deoxy-beta-D-glucopyranose
#
loop_
_entity_poly.entity_id
_entity_poly.type
_entity_poly.pdbx_seq_one_letter_code
_entity_poly.pdbx_strand_id
1 'polypeptide(L)'
;LKESYLEESCSTITEGYLSVLRTGWYTNVFTLEVGDVENLTCTDGPSLIKTELDLTKSALRELKTVSADQLAREEQIENP
RQSRFVLGAIALGVATAAAVTAGIAIAKTIRLESEVNAIKGALKTTNEAVSTLGNGVRVLATAVRELKEFVSKNLTSAIN
KNKCDIADLKMAVSFSQFNRRFLNVVRQFSDNAGITPAISLDLMTDAELARAVSYMPTSAGQIKLMLENRAMVRRKGFGI
LIGVYGSSVIYMVQLPIFGVIDTPCWIIKAAPSCSEKDGNYACLLREDQGWYCKNAGSTVYYPNEKDCETRGDHVFCDTA
AGINVAEQSRECNINISTTNYPCKVSTGRHPISMVALSPLGALVACYKGVSCSIGSNRVGIIKQLPKGCSYITNQDADTV
TIDNTVYQLSKV
;
F
2 'polypeptide(L)'
;EVQLVQSGAEVKKPGESLRISCKGSGYDFPSYWISWVRQMPGKGLEWMGRIDPTDSNTNYSPSFQGHVTLSADKSISTAY
LQWSSLKASDTAIYYCARHSDSWSYYEDSWGQGTLVTVSS
;
C
3 'polypeptide(L)'
;DIQMTQSPSSLSASVGDRVTITCRASQSISTYLNWYQQKPGKAPKLLIYAASSLQSGVPSRFSGRLSGTDFTLTISSLQP
EDFATYYCQQTYSSPRTFGQGTKVEIK
;
B
#
# COMPACT_ATOMS: atom_id res chain seq x y z
N LEU A 1 -12.50 14.05 -18.08
CA LEU A 1 -12.01 13.00 -18.98
C LEU A 1 -12.95 12.82 -20.17
N LYS A 2 -12.42 13.02 -21.38
CA LYS A 2 -13.18 12.86 -22.61
C LYS A 2 -12.44 11.84 -23.50
N GLU A 3 -12.95 10.61 -23.52
CA GLU A 3 -12.35 9.55 -24.32
C GLU A 3 -12.96 9.58 -25.72
N SER A 4 -12.11 9.79 -26.72
CA SER A 4 -12.53 9.84 -28.12
C SER A 4 -12.15 8.53 -28.81
N TYR A 5 -13.16 7.73 -29.14
CA TYR A 5 -12.96 6.52 -29.93
C TYR A 5 -12.73 6.94 -31.37
N LEU A 6 -11.48 6.85 -31.82
CA LEU A 6 -11.11 7.33 -33.16
C LEU A 6 -11.86 6.54 -34.23
N GLU A 7 -12.52 7.26 -35.12
CA GLU A 7 -13.48 6.72 -36.07
C GLU A 7 -12.84 6.13 -37.33
N GLU A 8 -11.52 6.22 -37.57
CA GLU A 8 -10.98 5.75 -38.83
C GLU A 8 -9.78 4.82 -38.65
N SER A 9 -9.56 4.34 -37.43
CA SER A 9 -8.52 3.35 -37.16
C SER A 9 -8.73 2.79 -35.77
N CYS A 10 -8.19 1.59 -35.54
CA CYS A 10 -8.33 0.88 -34.27
C CYS A 10 -7.28 1.34 -33.25
N SER A 11 -7.19 2.64 -33.03
CA SER A 11 -6.27 3.20 -32.03
C SER A 11 -6.82 4.55 -31.59
N THR A 12 -7.33 4.62 -30.37
CA THR A 12 -8.07 5.78 -29.93
C THR A 12 -7.12 6.85 -29.39
N ILE A 13 -7.64 8.06 -29.24
CA ILE A 13 -6.91 9.18 -28.66
C ILE A 13 -7.80 9.82 -27.60
N THR A 14 -7.16 10.39 -26.58
CA THR A 14 -7.87 10.99 -25.47
C THR A 14 -7.27 12.36 -25.18
N GLU A 15 -8.03 13.16 -24.44
CA GLU A 15 -7.55 14.48 -24.06
C GLU A 15 -8.35 14.97 -22.86
N GLY A 16 -7.84 16.03 -22.24
CA GLY A 16 -8.44 16.62 -21.06
C GLY A 16 -7.69 16.39 -19.78
N TYR A 17 -6.62 15.59 -19.81
CA TYR A 17 -5.86 15.29 -18.60
C TYR A 17 -4.97 16.46 -18.20
N LEU A 18 -4.79 16.61 -16.89
CA LEU A 18 -3.83 17.54 -16.32
C LEU A 18 -2.71 16.75 -15.66
N SER A 19 -1.47 17.03 -16.05
CA SER A 19 -0.34 16.18 -15.70
C SER A 19 0.47 16.77 -14.54
N VAL A 20 1.07 15.86 -13.77
CA VAL A 20 2.00 16.22 -12.70
C VAL A 20 3.25 15.36 -12.87
N LEU A 21 4.42 15.99 -12.79
CA LEU A 21 5.68 15.33 -13.09
C LEU A 21 6.58 15.31 -11.87
N ARG A 22 7.38 14.26 -11.74
CA ARG A 22 8.38 14.13 -10.67
C ARG A 22 9.66 14.81 -11.16
N THR A 23 9.90 16.03 -10.70
CA THR A 23 11.01 16.83 -11.20
C THR A 23 12.25 16.79 -10.33
N GLY A 24 12.20 16.14 -9.17
CA GLY A 24 13.37 16.12 -8.31
C GLY A 24 13.09 15.39 -7.02
N TRP A 25 14.03 15.51 -6.09
CA TRP A 25 13.97 14.85 -4.79
C TRP A 25 14.30 15.83 -3.68
N TYR A 26 13.77 15.56 -2.49
CA TYR A 26 14.01 16.39 -1.31
C TYR A 26 14.59 15.50 -0.23
N THR A 27 15.87 15.68 0.08
CA THR A 27 16.52 14.87 1.10
C THR A 27 16.06 15.30 2.49
N ASN A 28 16.05 14.35 3.41
CA ASN A 28 15.66 14.59 4.80
C ASN A 28 16.36 13.56 5.67
N VAL A 29 17.14 14.01 6.64
CA VAL A 29 17.92 13.13 7.50
C VAL A 29 17.40 13.22 8.92
N PHE A 30 17.52 12.11 9.64
CA PHE A 30 17.00 11.99 11.00
C PHE A 30 18.12 11.54 11.93
N THR A 31 17.94 11.80 13.22
CA THR A 31 18.92 11.46 14.24
C THR A 31 18.23 10.79 15.43
N LEU A 32 17.40 9.80 15.15
CA LEU A 32 16.72 9.04 16.19
C LEU A 32 17.72 8.51 17.21
N GLU A 33 17.58 8.97 18.45
CA GLU A 33 18.54 8.67 19.51
C GLU A 33 17.92 7.67 20.48
N VAL A 34 18.61 6.54 20.67
CA VAL A 34 18.11 5.51 21.57
C VAL A 34 18.22 5.97 23.02
N GLY A 35 19.36 6.54 23.39
CA GLY A 35 19.67 6.82 24.77
C GLY A 35 20.57 5.75 25.36
N ASP A 36 21.33 6.12 26.37
CA ASP A 36 22.30 5.22 26.98
C ASP A 36 21.57 4.13 27.76
N VAL A 37 21.54 2.92 27.23
CA VAL A 37 20.93 1.77 27.89
C VAL A 37 21.90 0.63 28.13
N GLU A 38 23.12 0.70 27.59
CA GLU A 38 24.08 -0.39 27.76
C GLU A 38 24.52 -0.54 29.21
N ASN A 39 24.54 0.56 29.96
CA ASN A 39 24.92 0.49 31.38
C ASN A 39 23.92 -0.35 32.17
N LEU A 40 22.63 -0.17 31.92
CA LEU A 40 21.61 -0.81 32.72
C LEU A 40 21.59 -2.32 32.46
N THR A 41 21.54 -3.09 33.55
CA THR A 41 21.49 -4.54 33.46
C THR A 41 20.73 -5.08 34.67
N CYS A 42 19.83 -6.02 34.43
CA CYS A 42 19.00 -6.61 35.47
C CYS A 42 19.29 -8.10 35.57
N THR A 43 19.63 -8.57 36.78
CA THR A 43 19.80 -9.99 37.06
C THR A 43 19.00 -10.31 38.33
N ASP A 44 17.70 -10.53 38.15
CA ASP A 44 16.79 -10.91 39.23
C ASP A 44 15.91 -12.08 38.84
N GLY A 45 16.16 -12.71 37.70
CA GLY A 45 15.26 -13.70 37.15
C GLY A 45 14.37 -13.07 36.10
N PRO A 46 13.68 -13.89 35.31
CA PRO A 46 12.81 -13.36 34.26
C PRO A 46 11.72 -12.47 34.84
N SER A 47 11.45 -11.38 34.13
CA SER A 47 10.47 -10.39 34.56
C SER A 47 9.89 -9.72 33.31
N LEU A 48 9.23 -8.58 33.50
CA LEU A 48 8.63 -7.84 32.40
C LEU A 48 9.59 -6.83 31.78
N ILE A 49 10.22 -6.00 32.61
CA ILE A 49 11.15 -4.99 32.10
C ILE A 49 12.37 -5.65 31.47
N LYS A 50 12.79 -6.80 32.00
CA LYS A 50 13.98 -7.47 31.50
C LYS A 50 13.84 -7.85 30.03
N THR A 51 12.67 -8.37 29.64
CA THR A 51 12.46 -8.78 28.25
C THR A 51 12.58 -7.59 27.31
N GLU A 52 11.94 -6.46 27.65
CA GLU A 52 12.01 -5.29 26.78
C GLU A 52 13.43 -4.74 26.71
N LEU A 53 14.13 -4.69 27.85
CA LEU A 53 15.49 -4.18 27.84
C LEU A 53 16.40 -5.05 26.98
N ASP A 54 16.27 -6.38 27.10
CA ASP A 54 17.06 -7.27 26.27
C ASP A 54 16.70 -7.11 24.79
N LEU A 55 15.42 -6.89 24.50
CA LEU A 55 15.00 -6.70 23.11
C LEU A 55 15.66 -5.46 22.52
N THR A 56 15.65 -4.35 23.26
CA THR A 56 16.28 -3.13 22.77
C THR A 56 17.78 -3.32 22.60
N LYS A 57 18.43 -3.95 23.58
CA LYS A 57 19.88 -4.15 23.52
C LYS A 57 20.27 -5.06 22.37
N SER A 58 19.44 -6.04 22.03
CA SER A 58 19.70 -6.89 20.88
C SER A 58 19.42 -6.18 19.57
N ALA A 59 18.39 -5.33 19.53
CA ALA A 59 18.09 -4.57 18.32
C ALA A 59 19.22 -3.63 17.96
N LEU A 60 19.84 -3.00 18.97
CA LEU A 60 20.97 -2.12 18.69
C LEU A 60 22.11 -2.90 18.01
N ARG A 61 22.45 -4.07 18.56
CA ARG A 61 23.52 -4.87 17.98
C ARG A 61 23.16 -5.35 16.57
N GLU A 62 21.90 -5.73 16.37
CA GLU A 62 21.48 -6.18 15.04
C GLU A 62 21.60 -5.06 14.02
N LEU A 63 21.22 -3.84 14.41
CA LEU A 63 21.37 -2.70 13.49
C LEU A 63 22.84 -2.42 13.22
N LYS A 64 23.70 -2.57 14.23
CA LYS A 64 25.13 -2.37 14.00
C LYS A 64 25.66 -3.37 12.99
N THR A 65 25.27 -4.64 13.12
CA THR A 65 25.72 -5.65 12.17
C THR A 65 25.17 -5.39 10.77
N VAL A 66 23.90 -4.97 10.68
CA VAL A 66 23.30 -4.68 9.39
C VAL A 66 24.03 -3.52 8.71
N SER A 67 24.37 -2.48 9.47
CA SER A 67 25.12 -1.36 8.91
C SER A 67 26.51 -1.80 8.47
N ALA A 68 27.16 -2.66 9.24
CA ALA A 68 28.47 -3.16 8.86
C ALA A 68 28.40 -3.92 7.54
N ASP A 69 27.36 -4.74 7.36
CA ASP A 69 27.19 -5.45 6.09
C ASP A 69 26.77 -4.50 4.97
N GLN A 70 26.15 -3.37 5.31
CA GLN A 70 25.59 -2.48 4.30
C GLN A 70 26.67 -1.86 3.43
N LEU A 71 27.79 -1.47 4.03
CA LEU A 71 28.85 -0.77 3.30
C LEU A 71 29.52 -1.73 2.32
N ALA A 72 29.15 -1.63 1.06
CA ALA A 72 29.67 -2.48 0.00
C ALA A 72 30.49 -1.65 -0.97
N ARG A 73 31.71 -2.11 -1.27
CA ARG A 73 32.60 -1.41 -2.17
C ARG A 73 32.21 -1.65 -3.63
N VAL A 94 9.50 -0.34 -8.18
CA VAL A 94 8.48 0.70 -8.25
C VAL A 94 9.07 1.98 -8.83
N ALA A 95 10.38 2.12 -8.73
CA ALA A 95 11.10 3.30 -9.22
C ALA A 95 12.31 2.87 -10.01
N THR A 96 12.73 3.73 -10.94
CA THR A 96 13.88 3.43 -11.78
C THR A 96 15.17 3.53 -10.97
N ALA A 97 16.26 3.06 -11.56
CA ALA A 97 17.55 3.03 -10.90
C ALA A 97 18.10 4.43 -10.58
N ALA A 98 17.56 5.47 -11.21
CA ALA A 98 18.02 6.82 -10.91
C ALA A 98 17.79 7.19 -9.45
N ALA A 99 16.63 6.81 -8.91
CA ALA A 99 16.31 7.11 -7.52
C ALA A 99 17.31 6.45 -6.57
N VAL A 100 17.56 5.16 -6.76
CA VAL A 100 18.45 4.44 -5.86
C VAL A 100 19.88 4.94 -6.02
N THR A 101 20.29 5.29 -7.25
CA THR A 101 21.63 5.82 -7.45
C THR A 101 21.80 7.16 -6.75
N ALA A 102 20.82 8.06 -6.88
CA ALA A 102 20.90 9.35 -6.19
C ALA A 102 20.91 9.16 -4.69
N GLY A 103 20.07 8.24 -4.18
CA GLY A 103 20.07 7.98 -2.75
C GLY A 103 21.39 7.44 -2.25
N ILE A 104 22.00 6.53 -3.01
CA ILE A 104 23.30 5.98 -2.63
C ILE A 104 24.36 7.07 -2.63
N ALA A 105 24.33 7.95 -3.63
CA ALA A 105 25.30 9.04 -3.68
C ALA A 105 25.15 9.97 -2.49
N ILE A 106 23.91 10.33 -2.15
CA ILE A 106 23.69 11.22 -1.02
C ILE A 106 24.10 10.54 0.29
N ALA A 107 23.83 9.24 0.41
CA ALA A 107 24.24 8.51 1.60
C ALA A 107 25.76 8.47 1.73
N LYS A 108 26.46 8.25 0.61
CA LYS A 108 27.92 8.27 0.64
C LYS A 108 28.44 9.64 1.04
N THR A 109 27.80 10.70 0.55
CA THR A 109 28.18 12.05 0.94
C THR A 109 27.96 12.27 2.43
N ILE A 110 26.85 11.79 2.97
CA ILE A 110 26.52 12.01 4.37
C ILE A 110 27.43 11.20 5.29
N ARG A 111 27.89 10.04 4.83
CA ARG A 111 28.52 9.06 5.72
C ARG A 111 29.73 9.60 6.46
N LEU A 112 30.44 10.57 5.90
CA LEU A 112 31.74 10.94 6.44
C LEU A 112 31.62 11.67 7.79
N GLU A 113 32.67 11.47 8.60
CA GLU A 113 32.63 11.81 10.03
C GLU A 113 32.51 13.31 10.26
N SER A 114 33.18 14.13 9.45
CA SER A 114 33.17 15.57 9.69
C SER A 114 31.76 16.13 9.65
N GLU A 115 31.02 15.85 8.58
CA GLU A 115 29.65 16.31 8.47
C GLU A 115 28.67 15.49 9.31
N VAL A 116 29.00 14.25 9.68
CA VAL A 116 28.20 13.56 10.70
C VAL A 116 28.24 14.34 12.01
N ASN A 117 29.44 14.74 12.43
CA ASN A 117 29.59 15.54 13.63
C ASN A 117 28.95 16.92 13.48
N ALA A 118 29.02 17.48 12.27
CA ALA A 118 28.38 18.77 12.02
C ALA A 118 26.87 18.66 12.22
N ILE A 119 26.25 17.60 11.69
CA ILE A 119 24.81 17.41 11.87
C ILE A 119 24.49 17.18 13.35
N LYS A 120 25.32 16.38 14.04
CA LYS A 120 25.08 16.14 15.46
C LYS A 120 25.15 17.43 16.27
N GLY A 121 26.13 18.28 15.97
CA GLY A 121 26.23 19.56 16.66
C GLY A 121 25.08 20.49 16.33
N ALA A 122 24.63 20.48 15.07
CA ALA A 122 23.50 21.31 14.68
C ALA A 122 22.24 20.90 15.42
N LEU A 123 22.01 19.60 15.57
CA LEU A 123 20.84 19.10 16.29
C LEU A 123 21.23 18.78 17.74
N LYS A 124 21.44 19.84 18.49
CA LYS A 124 21.79 19.73 19.91
C LYS A 124 20.89 20.57 20.80
N THR A 125 20.49 21.75 20.36
CA THR A 125 19.66 22.65 21.15
C THR A 125 18.23 22.74 20.66
N THR A 126 18.00 22.66 19.35
CA THR A 126 16.67 22.73 18.76
C THR A 126 16.38 21.46 17.99
N ASN A 127 15.20 21.41 17.37
CA ASN A 127 14.74 20.25 16.63
C ASN A 127 14.42 20.59 15.18
N GLU A 128 15.07 21.62 14.64
CA GLU A 128 14.83 22.03 13.26
C GLU A 128 16.03 22.84 12.79
N ALA A 129 16.80 22.30 11.86
CA ALA A 129 17.99 22.97 11.36
C ALA A 129 18.14 22.66 9.87
N VAL A 130 18.06 23.70 9.04
CA VAL A 130 18.22 23.53 7.59
C VAL A 130 19.71 23.70 7.32
N SER A 131 20.46 22.62 7.47
CA SER A 131 21.90 22.63 7.30
C SER A 131 22.25 22.41 5.83
N THR A 132 23.54 22.25 5.54
CA THR A 132 24.01 22.04 4.18
C THR A 132 25.27 21.20 4.22
N LEU A 133 25.40 20.29 3.25
CA LEU A 133 26.54 19.39 3.17
C LEU A 133 27.71 20.09 2.50
N GLY A 134 28.77 19.33 2.19
CA GLY A 134 29.87 19.88 1.42
C GLY A 134 29.44 20.29 0.03
N ASN A 135 28.51 19.55 -0.57
CA ASN A 135 27.92 19.89 -1.85
C ASN A 135 26.69 20.76 -1.63
N GLY A 136 25.93 21.02 -2.69
CA GLY A 136 24.72 21.82 -2.55
C GLY A 136 23.46 21.00 -2.54
N VAL A 137 22.89 20.78 -1.36
CA VAL A 137 21.66 20.02 -1.17
C VAL A 137 20.91 20.58 0.02
N ARG A 138 19.62 20.25 0.11
CA ARG A 138 18.77 20.63 1.24
C ARG A 138 18.56 19.40 2.11
N VAL A 139 19.17 19.39 3.29
CA VAL A 139 19.27 18.19 4.10
C VAL A 139 18.62 18.52 5.45
N LEU A 140 17.55 19.30 5.41
CA LEU A 140 16.77 19.66 6.59
C LEU A 140 16.65 18.49 7.55
N ALA A 141 17.10 18.69 8.79
CA ALA A 141 17.31 17.62 9.75
C ALA A 141 16.38 17.79 10.94
N THR A 142 15.71 16.71 11.34
CA THR A 142 14.82 16.70 12.49
C THR A 142 15.23 15.56 13.42
N ALA A 143 15.17 15.82 14.72
CA ALA A 143 15.59 14.86 15.73
C ALA A 143 14.41 14.49 16.62
N VAL A 144 14.32 13.22 16.98
CA VAL A 144 13.33 12.71 17.90
C VAL A 144 14.04 12.14 19.12
N ARG A 145 13.55 12.49 20.31
CA ARG A 145 14.25 12.13 21.54
C ARG A 145 13.33 11.57 22.61
N GLU A 146 12.17 11.03 22.26
CA GLU A 146 11.25 10.52 23.27
C GLU A 146 11.86 9.37 24.05
N LEU A 147 12.47 8.41 23.35
CA LEU A 147 13.05 7.25 24.02
C LEU A 147 14.23 7.66 24.89
N LYS A 148 15.11 8.53 24.38
CA LYS A 148 16.26 8.97 25.15
C LYS A 148 15.82 9.73 26.39
N GLU A 149 14.83 10.62 26.25
CA GLU A 149 14.33 11.35 27.40
C GLU A 149 13.74 10.40 28.43
N PHE A 150 12.94 9.43 27.99
CA PHE A 150 12.35 8.48 28.92
C PHE A 150 13.44 7.72 29.68
N VAL A 151 14.41 7.17 28.96
CA VAL A 151 15.45 6.36 29.61
C VAL A 151 16.29 7.22 30.56
N SER A 152 16.64 8.44 30.14
CA SER A 152 17.49 9.28 30.97
C SER A 152 16.76 9.75 32.22
N LYS A 153 15.45 10.04 32.11
CA LYS A 153 14.74 10.66 33.23
C LYS A 153 14.08 9.64 34.14
N ASN A 154 13.18 8.81 33.61
CA ASN A 154 12.31 8.05 34.48
C ASN A 154 12.83 6.64 34.77
N LEU A 155 13.35 5.95 33.75
CA LEU A 155 13.78 4.57 33.96
C LEU A 155 14.94 4.47 34.93
N THR A 156 15.93 5.36 34.80
CA THR A 156 17.09 5.30 35.69
C THR A 156 16.69 5.60 37.14
N SER A 157 15.81 6.57 37.33
CA SER A 157 15.33 6.87 38.68
C SER A 157 14.50 5.73 39.25
N ALA A 158 13.67 5.09 38.42
CA ALA A 158 12.82 4.03 38.91
C ALA A 158 13.62 2.79 39.27
N ILE A 159 14.58 2.40 38.43
CA ILE A 159 15.42 1.25 38.76
C ILE A 159 16.31 1.62 39.95
N ASN A 160 16.37 0.72 40.92
CA ASN A 160 17.06 0.99 42.18
C ASN A 160 17.80 -0.26 42.62
N LYS A 161 19.13 -0.20 42.60
CA LYS A 161 19.98 -1.31 43.00
C LYS A 161 19.67 -2.57 42.18
N ASN A 162 19.42 -2.37 40.89
CA ASN A 162 19.18 -3.45 39.94
C ASN A 162 18.01 -4.34 40.39
N LYS A 163 16.85 -3.70 40.56
CA LYS A 163 15.63 -4.39 40.98
C LYS A 163 14.59 -4.19 39.88
N CYS A 164 14.48 -5.18 38.99
CA CYS A 164 13.56 -5.11 37.87
C CYS A 164 12.16 -5.60 38.22
N ASP A 165 11.95 -6.14 39.42
CA ASP A 165 10.61 -6.58 39.84
C ASP A 165 9.90 -5.44 40.58
N ILE A 166 9.59 -4.39 39.82
CA ILE A 166 8.91 -3.22 40.34
C ILE A 166 7.44 -3.30 39.98
N ALA A 167 6.57 -3.03 40.95
CA ALA A 167 5.12 -3.14 40.78
C ALA A 167 4.54 -2.11 39.82
N ASP A 168 5.34 -1.29 39.15
CA ASP A 168 4.83 -0.26 38.24
C ASP A 168 4.55 -0.89 36.88
N LEU A 169 3.44 -1.62 36.80
CA LEU A 169 2.97 -2.12 35.53
C LEU A 169 2.70 -0.98 34.56
N LYS A 170 2.30 0.18 35.07
CA LYS A 170 2.17 1.37 34.24
C LYS A 170 3.51 1.75 33.62
N MET A 171 4.60 1.67 34.39
CA MET A 171 5.92 1.98 33.85
C MET A 171 6.34 0.95 32.82
N ALA A 172 6.06 -0.33 33.06
CA ALA A 172 6.38 -1.34 32.06
C ALA A 172 5.61 -1.10 30.76
N VAL A 173 4.33 -0.76 30.87
CA VAL A 173 3.53 -0.47 29.68
C VAL A 173 4.08 0.76 28.97
N SER A 174 4.52 1.77 29.73
CA SER A 174 5.10 2.96 29.12
C SER A 174 6.37 2.64 28.36
N PHE A 175 7.22 1.78 28.92
CA PHE A 175 8.42 1.34 28.22
C PHE A 175 8.07 0.62 26.92
N SER A 176 7.09 -0.28 26.98
CA SER A 176 6.67 -1.02 25.80
C SER A 176 6.12 -0.08 24.72
N GLN A 177 5.36 0.93 25.13
CA GLN A 177 4.80 1.89 24.19
C GLN A 177 5.85 2.84 23.65
N PHE A 178 6.92 3.09 24.40
CA PHE A 178 7.92 4.07 23.98
C PHE A 178 8.96 3.49 23.03
N ASN A 179 9.45 2.27 23.29
CA ASN A 179 10.52 1.73 22.44
C ASN A 179 10.01 1.18 21.11
N ARG A 180 8.72 1.33 20.83
CA ARG A 180 8.11 0.70 19.65
C ARG A 180 8.68 1.26 18.36
N ARG A 181 8.84 2.59 18.27
CA ARG A 181 9.31 3.17 17.03
C ARG A 181 10.71 2.70 16.69
N PHE A 182 11.61 2.68 17.69
CA PHE A 182 12.97 2.23 17.44
C PHE A 182 13.00 0.76 17.05
N LEU A 183 12.22 -0.09 17.75
CA LEU A 183 12.20 -1.50 17.40
C LEU A 183 11.70 -1.71 15.98
N ASN A 184 10.63 -1.01 15.60
CA ASN A 184 10.08 -1.14 14.26
C ASN A 184 11.08 -0.68 13.21
N VAL A 185 11.76 0.43 13.46
CA VAL A 185 12.74 0.93 12.49
C VAL A 185 13.87 -0.07 12.32
N VAL A 186 14.37 -0.63 13.43
CA VAL A 186 15.46 -1.60 13.34
C VAL A 186 15.01 -2.82 12.53
N ARG A 187 13.82 -3.34 12.82
CA ARG A 187 13.36 -4.53 12.12
C ARG A 187 13.16 -4.26 10.63
N GLN A 188 12.54 -3.11 10.30
CA GLN A 188 12.31 -2.78 8.89
C GLN A 188 13.62 -2.62 8.14
N PHE A 189 14.61 -1.96 8.75
CA PHE A 189 15.88 -1.78 8.08
C PHE A 189 16.66 -3.09 7.95
N SER A 190 16.54 -3.98 8.94
CA SER A 190 17.26 -5.24 8.86
C SER A 190 16.63 -6.20 7.87
N ASP A 191 15.32 -6.09 7.64
CA ASP A 191 14.64 -7.08 6.81
C ASP A 191 14.81 -6.85 5.31
N ASN A 192 15.38 -5.72 4.88
CA ASN A 192 15.45 -5.41 3.46
C ASN A 192 16.84 -4.94 3.05
N ALA A 193 17.88 -5.43 3.72
CA ALA A 193 19.28 -5.15 3.36
C ALA A 193 19.57 -3.66 3.32
N GLY A 194 18.97 -2.92 4.24
CA GLY A 194 19.31 -1.53 4.45
C GLY A 194 18.50 -0.51 3.65
N ILE A 195 17.74 -0.95 2.66
CA ILE A 195 16.92 -0.05 1.85
C ILE A 195 15.47 -0.51 1.92
N THR A 196 14.57 0.40 2.27
CA THR A 196 13.17 0.04 2.38
C THR A 196 12.42 0.40 1.11
N PRO A 197 11.50 -0.46 0.66
CA PRO A 197 10.77 -0.17 -0.58
C PRO A 197 9.91 1.09 -0.52
N ALA A 198 9.45 1.49 0.66
CA ALA A 198 8.63 2.68 0.77
C ALA A 198 8.67 3.18 2.22
N ILE A 199 8.09 4.35 2.42
CA ILE A 199 8.18 5.09 3.68
C ILE A 199 7.02 4.66 4.57
N SER A 200 7.32 3.86 5.60
CA SER A 200 6.31 3.46 6.57
C SER A 200 5.96 4.63 7.48
N LEU A 201 4.82 4.49 8.19
CA LEU A 201 4.44 5.50 9.16
C LEU A 201 5.46 5.64 10.29
N ASP A 202 6.22 4.59 10.57
CA ASP A 202 7.22 4.67 11.63
C ASP A 202 8.44 5.48 11.21
N LEU A 203 8.80 5.45 9.92
CA LEU A 203 9.96 6.21 9.46
C LEU A 203 9.72 7.71 9.61
N MET A 204 8.55 8.19 9.18
CA MET A 204 8.18 9.58 9.35
C MET A 204 6.73 9.66 9.82
N THR A 205 6.48 10.45 10.86
CA THR A 205 5.13 10.62 11.35
C THR A 205 4.36 11.63 10.51
N ASP A 206 3.08 11.79 10.81
CA ASP A 206 2.21 12.63 10.00
C ASP A 206 2.64 14.09 10.05
N ALA A 207 2.85 14.62 11.26
CA ALA A 207 3.23 16.02 11.40
C ALA A 207 4.60 16.28 10.78
N GLU A 208 5.54 15.37 10.99
CA GLU A 208 6.87 15.53 10.41
C GLU A 208 6.82 15.53 8.89
N LEU A 209 6.03 14.62 8.30
CA LEU A 209 5.90 14.61 6.85
C LEU A 209 5.24 15.87 6.34
N ALA A 210 4.21 16.36 7.03
CA ALA A 210 3.56 17.59 6.61
C ALA A 210 4.53 18.77 6.64
N ARG A 211 5.32 18.89 7.71
CA ARG A 211 6.29 19.97 7.81
C ARG A 211 7.34 19.86 6.72
N ALA A 212 7.87 18.65 6.50
CA ALA A 212 8.90 18.47 5.48
C ALA A 212 8.38 18.79 4.09
N VAL A 213 7.14 18.39 3.79
CA VAL A 213 6.55 18.73 2.49
C VAL A 213 6.37 20.23 2.37
N SER A 214 5.89 20.88 3.44
CA SER A 214 5.63 22.31 3.37
C SER A 214 6.90 23.17 3.36
N TYR A 215 8.05 22.60 3.73
CA TYR A 215 9.27 23.39 3.81
C TYR A 215 10.15 23.32 2.56
N MET A 216 9.79 22.51 1.58
CA MET A 216 10.63 22.38 0.40
C MET A 216 10.20 23.36 -0.70
N PRO A 217 11.14 23.73 -1.59
CA PRO A 217 10.89 24.83 -2.55
C PRO A 217 9.95 24.49 -3.71
N THR A 218 8.65 24.66 -3.44
CA THR A 218 7.64 24.47 -4.47
C THR A 218 6.51 25.47 -4.22
N SER A 219 5.70 25.68 -5.25
CA SER A 219 4.63 26.67 -5.18
C SER A 219 3.48 26.16 -4.32
N ALA A 220 2.60 27.10 -3.94
CA ALA A 220 1.49 26.76 -3.06
C ALA A 220 0.53 25.75 -3.68
N GLY A 221 0.34 25.81 -5.00
CA GLY A 221 -0.51 24.83 -5.66
C GLY A 221 0.02 23.41 -5.51
N GLN A 222 1.32 23.23 -5.77
CA GLN A 222 1.93 21.92 -5.60
C GLN A 222 1.92 21.50 -4.13
N ILE A 223 2.10 22.46 -3.22
CA ILE A 223 2.05 22.14 -1.79
C ILE A 223 0.67 21.60 -1.42
N LYS A 224 -0.39 22.24 -1.91
CA LYS A 224 -1.74 21.75 -1.64
C LYS A 224 -1.96 20.38 -2.29
N LEU A 225 -1.47 20.20 -3.52
CA LEU A 225 -1.63 18.91 -4.19
C LEU A 225 -0.98 17.78 -3.41
N MET A 226 0.20 18.04 -2.85
CA MET A 226 0.86 17.02 -2.03
C MET A 226 0.17 16.82 -0.69
N LEU A 227 -0.28 17.91 -0.07
CA LEU A 227 -1.05 17.77 1.17
C LEU A 227 -2.30 16.95 0.94
N GLU A 228 -2.79 16.91 -0.30
CA GLU A 228 -3.90 16.02 -0.63
C GLU A 228 -3.41 14.59 -0.87
N ASN A 229 -2.50 14.41 -1.82
CA ASN A 229 -2.02 13.06 -2.17
C ASN A 229 -0.77 12.66 -1.40
N ARG A 230 -0.83 12.89 -0.08
CA ARG A 230 0.10 12.28 0.87
C ARG A 230 0.33 10.81 0.62
N ALA A 231 -0.71 10.08 0.23
CA ALA A 231 -0.57 8.64 -0.01
C ALA A 231 0.42 8.37 -1.14
N MET A 232 0.25 9.06 -2.28
CA MET A 232 1.18 8.90 -3.38
C MET A 232 2.57 9.38 -3.01
N VAL A 233 2.65 10.50 -2.28
CA VAL A 233 3.95 11.01 -1.85
C VAL A 233 4.70 9.98 -1.03
N ARG A 234 4.01 9.34 -0.09
CA ARG A 234 4.63 8.34 0.77
C ARG A 234 4.86 7.01 0.06
N ARG A 235 4.14 6.75 -1.03
CA ARG A 235 4.38 5.52 -1.77
C ARG A 235 5.55 5.64 -2.74
N LYS A 236 5.85 6.85 -3.21
CA LYS A 236 6.94 7.01 -4.16
C LYS A 236 8.30 7.20 -3.53
N GLY A 237 8.37 7.49 -2.23
CA GLY A 237 9.64 7.71 -1.56
C GLY A 237 10.27 6.42 -1.08
N PHE A 238 11.38 6.58 -0.35
CA PHE A 238 12.10 5.45 0.22
C PHE A 238 13.11 5.98 1.24
N GLY A 239 13.74 5.06 1.96
CA GLY A 239 14.69 5.43 2.98
C GLY A 239 15.92 4.55 2.93
N ILE A 240 17.04 5.10 3.38
CA ILE A 240 18.33 4.42 3.39
C ILE A 240 18.97 4.59 4.75
N LEU A 241 19.59 3.53 5.26
CA LEU A 241 20.29 3.59 6.54
C LEU A 241 21.71 4.13 6.33
N ILE A 242 22.09 5.07 7.18
CA ILE A 242 23.44 5.65 7.11
C ILE A 242 24.42 4.86 7.96
N GLY A 243 24.09 4.62 9.22
CA GLY A 243 24.97 3.87 10.09
C GLY A 243 24.72 4.21 11.53
N VAL A 244 25.34 3.42 12.41
CA VAL A 244 25.22 3.59 13.85
C VAL A 244 26.44 4.35 14.35
N TYR A 245 26.20 5.37 15.17
CA TYR A 245 27.26 6.19 15.74
C TYR A 245 27.08 6.20 17.26
N GLY A 246 27.88 5.39 17.95
CA GLY A 246 27.78 5.32 19.40
C GLY A 246 26.46 4.77 19.89
N SER A 247 25.62 5.64 20.45
CA SER A 247 24.33 5.22 20.97
C SER A 247 23.19 5.95 20.27
N SER A 248 23.26 6.03 18.95
CA SER A 248 22.21 6.69 18.17
C SER A 248 22.08 6.01 16.83
N VAL A 249 20.92 6.23 16.20
CA VAL A 249 20.62 5.70 14.88
C VAL A 249 20.41 6.87 13.93
N ILE A 250 21.11 6.85 12.80
CA ILE A 250 20.99 7.91 11.80
C ILE A 250 20.57 7.27 10.49
N TYR A 251 19.46 7.73 9.92
CA TYR A 251 19.00 7.29 8.63
C TYR A 251 18.51 8.49 7.83
N MET A 252 18.38 8.31 6.52
CA MET A 252 17.92 9.35 5.63
C MET A 252 16.73 8.84 4.82
N VAL A 253 15.82 9.75 4.50
CA VAL A 253 14.60 9.42 3.77
C VAL A 253 14.31 10.56 2.80
N GLN A 254 13.92 10.22 1.57
CA GLN A 254 13.68 11.19 0.52
C GLN A 254 12.20 11.31 0.23
N LEU A 255 11.80 12.49 -0.25
CA LEU A 255 10.43 12.77 -0.65
C LEU A 255 10.40 13.21 -2.10
N PRO A 256 9.60 12.59 -2.96
CA PRO A 256 9.54 13.02 -4.36
C PRO A 256 8.97 14.43 -4.48
N ILE A 257 9.43 15.13 -5.51
CA ILE A 257 9.06 16.53 -5.75
C ILE A 257 8.24 16.61 -7.02
N PHE A 258 7.08 17.23 -6.93
CA PHE A 258 6.20 17.46 -8.08
C PHE A 258 6.30 18.96 -8.41
N GLY A 259 7.06 19.29 -9.45
CA GLY A 259 7.37 20.67 -9.74
C GLY A 259 6.46 21.34 -10.74
N VAL A 260 6.04 20.62 -11.78
CA VAL A 260 5.25 21.19 -12.87
C VAL A 260 3.91 20.47 -12.90
N ILE A 261 2.83 21.24 -12.79
CA ILE A 261 1.47 20.71 -12.80
C ILE A 261 0.62 21.54 -13.75
N ASP A 262 -0.60 21.05 -14.01
CA ASP A 262 -1.58 21.70 -14.87
C ASP A 262 -1.04 21.89 -16.30
N THR A 263 -0.77 20.76 -16.95
CA THR A 263 -0.43 20.73 -18.35
C THR A 263 -1.35 19.75 -19.08
N PRO A 264 -1.83 20.10 -20.27
CA PRO A 264 -2.66 19.16 -21.02
C PRO A 264 -1.83 18.03 -21.59
N CYS A 265 -2.38 16.82 -21.54
CA CYS A 265 -1.59 15.64 -21.91
C CYS A 265 -2.53 14.57 -22.42
N TRP A 266 -1.98 13.61 -23.16
CA TRP A 266 -2.82 12.60 -23.81
C TRP A 266 -2.11 11.26 -23.83
N ILE A 267 -2.90 10.20 -24.01
CA ILE A 267 -2.41 8.83 -24.09
C ILE A 267 -2.95 8.18 -25.36
N ILE A 268 -2.08 7.43 -26.03
CA ILE A 268 -2.45 6.65 -27.21
C ILE A 268 -2.45 5.17 -26.81
N LYS A 269 -3.61 4.52 -26.94
CA LYS A 269 -3.75 3.09 -26.76
C LYS A 269 -4.11 2.49 -28.10
N ALA A 270 -3.15 1.79 -28.71
CA ALA A 270 -3.30 1.25 -30.06
C ALA A 270 -3.42 -0.27 -30.01
N ALA A 271 -4.25 -0.80 -30.88
CA ALA A 271 -4.44 -2.24 -31.05
C ALA A 271 -4.34 -2.58 -32.52
N PRO A 272 -3.93 -3.82 -32.84
CA PRO A 272 -3.88 -4.22 -34.25
C PRO A 272 -5.25 -4.12 -34.90
N SER A 273 -5.27 -3.65 -36.14
CA SER A 273 -6.50 -3.48 -36.91
C SER A 273 -6.47 -4.52 -38.03
N CYS A 274 -6.95 -5.72 -37.71
CA CYS A 274 -6.87 -6.87 -38.61
C CYS A 274 -8.21 -7.04 -39.33
N SER A 275 -8.16 -7.19 -40.65
CA SER A 275 -9.33 -7.45 -41.46
C SER A 275 -9.20 -8.84 -42.07
N GLU A 276 -10.17 -9.70 -41.82
CA GLU A 276 -10.12 -11.06 -42.32
C GLU A 276 -10.37 -11.07 -43.83
N LYS A 277 -9.54 -11.82 -44.55
CA LYS A 277 -9.63 -11.95 -46.00
C LYS A 277 -9.64 -13.42 -46.39
N ASP A 278 -10.43 -14.22 -45.66
CA ASP A 278 -10.57 -15.66 -45.89
C ASP A 278 -9.21 -16.36 -45.79
N GLY A 279 -8.60 -16.25 -44.62
CA GLY A 279 -7.32 -16.89 -44.36
C GLY A 279 -6.19 -15.92 -44.10
N ASN A 280 -6.17 -14.80 -44.83
CA ASN A 280 -5.13 -13.80 -44.71
C ASN A 280 -5.57 -12.68 -43.79
N TYR A 281 -4.74 -12.37 -42.81
CA TYR A 281 -5.02 -11.32 -41.83
C TYR A 281 -4.13 -10.12 -42.12
N ALA A 282 -4.75 -8.94 -42.22
CA ALA A 282 -4.03 -7.69 -42.51
C ALA A 282 -4.23 -6.76 -41.30
N CYS A 283 -3.28 -6.79 -40.38
CA CYS A 283 -3.38 -6.02 -39.14
C CYS A 283 -2.74 -4.65 -39.33
N LEU A 284 -2.96 -3.78 -38.33
CA LEU A 284 -2.42 -2.42 -38.35
C LEU A 284 -2.19 -2.00 -36.90
N LEU A 285 -0.94 -2.04 -36.45
CA LEU A 285 -0.60 -1.72 -35.07
C LEU A 285 0.47 -0.62 -35.06
N ARG A 286 0.08 0.56 -34.60
CA ARG A 286 1.05 1.64 -34.40
C ARG A 286 1.93 1.34 -33.19
N GLU A 287 3.16 1.86 -33.23
CA GLU A 287 4.12 1.63 -32.17
C GLU A 287 4.37 2.88 -31.33
N ASP A 288 3.42 3.81 -31.31
CA ASP A 288 3.56 5.06 -30.57
C ASP A 288 2.71 5.08 -29.29
N GLN A 289 2.41 3.91 -28.74
CA GLN A 289 1.58 3.85 -27.53
C GLN A 289 2.32 4.43 -26.33
N GLY A 290 1.58 5.14 -25.50
CA GLY A 290 2.15 5.72 -24.29
C GLY A 290 1.47 7.05 -23.99
N TRP A 291 2.05 7.75 -23.02
CA TRP A 291 1.57 9.07 -22.61
C TRP A 291 2.49 10.14 -23.20
N TYR A 292 1.91 11.06 -23.94
CA TYR A 292 2.62 12.21 -24.49
C TYR A 292 2.29 13.44 -23.66
N CYS A 293 3.31 14.20 -23.28
CA CYS A 293 3.16 15.31 -22.34
C CYS A 293 3.92 16.52 -22.83
N LYS A 294 3.18 17.54 -23.27
CA LYS A 294 3.76 18.77 -23.81
C LYS A 294 3.89 19.77 -22.67
N ASN A 295 5.05 19.75 -22.01
CA ASN A 295 5.37 20.72 -20.98
C ASN A 295 6.00 21.96 -21.64
N ALA A 296 6.55 22.85 -20.83
CA ALA A 296 7.18 24.06 -21.35
C ALA A 296 8.50 23.70 -22.02
N GLY A 297 8.52 23.75 -23.35
CA GLY A 297 9.75 23.52 -24.08
C GLY A 297 9.70 22.44 -25.14
N SER A 298 9.02 21.33 -24.86
CA SER A 298 8.98 20.20 -25.78
C SER A 298 7.82 19.30 -25.39
N THR A 299 7.75 18.13 -26.03
CA THR A 299 6.77 17.10 -25.72
C THR A 299 7.51 15.82 -25.35
N VAL A 300 7.11 15.20 -24.24
CA VAL A 300 7.81 14.06 -23.69
C VAL A 300 6.96 12.81 -23.89
N TYR A 301 7.64 11.66 -23.95
CA TYR A 301 7.00 10.38 -24.24
C TYR A 301 7.54 9.33 -23.28
N TYR A 302 6.64 8.70 -22.51
CA TYR A 302 7.01 7.64 -21.57
C TYR A 302 6.56 6.30 -22.11
N PRO A 303 7.47 5.38 -22.43
CA PRO A 303 7.06 4.12 -23.07
C PRO A 303 6.49 3.08 -22.12
N ASN A 304 7.03 2.99 -20.91
CA ASN A 304 6.65 1.92 -19.99
C ASN A 304 5.32 2.24 -19.31
N GLU A 305 4.54 1.18 -19.05
CA GLU A 305 3.23 1.37 -18.41
C GLU A 305 3.39 1.74 -16.94
N LYS A 306 4.51 1.39 -16.32
CA LYS A 306 4.69 1.64 -14.90
C LYS A 306 5.04 3.08 -14.58
N ASP A 307 5.45 3.88 -15.57
CA ASP A 307 5.81 5.26 -15.30
C ASP A 307 4.61 6.09 -14.88
N CYS A 308 3.46 5.89 -15.54
CA CYS A 308 2.29 6.71 -15.29
C CYS A 308 1.14 5.88 -14.72
N GLU A 309 0.44 6.49 -13.78
CA GLU A 309 -0.79 5.96 -13.20
C GLU A 309 -1.86 7.03 -13.26
N THR A 310 -3.12 6.61 -13.22
CA THR A 310 -4.25 7.52 -13.31
C THR A 310 -4.78 7.79 -11.91
N ARG A 311 -4.80 9.07 -11.53
CA ARG A 311 -5.34 9.52 -10.24
C ARG A 311 -6.55 10.39 -10.55
N GLY A 312 -7.70 9.75 -10.74
CA GLY A 312 -8.90 10.47 -11.11
C GLY A 312 -8.77 11.16 -12.45
N ASP A 313 -8.81 12.49 -12.46
CA ASP A 313 -8.65 13.26 -13.68
C ASP A 313 -7.20 13.57 -14.02
N HIS A 314 -6.27 13.29 -13.12
CA HIS A 314 -4.86 13.58 -13.34
C HIS A 314 -4.09 12.32 -13.71
N VAL A 315 -2.81 12.51 -14.02
CA VAL A 315 -1.90 11.41 -14.33
C VAL A 315 -0.53 11.75 -13.73
N PHE A 316 0.10 10.77 -13.10
CA PHE A 316 1.36 10.96 -12.40
C PHE A 316 2.45 10.20 -13.14
N CYS A 317 3.30 10.94 -13.86
CA CYS A 317 4.45 10.38 -14.54
C CYS A 317 5.74 10.95 -13.95
N ASP A 318 6.81 10.17 -14.06
CA ASP A 318 8.12 10.59 -13.59
C ASP A 318 8.99 11.01 -14.77
N THR A 319 9.62 12.17 -14.64
CA THR A 319 10.40 12.74 -15.75
C THR A 319 11.73 12.02 -15.96
N ALA A 320 12.12 11.12 -15.06
CA ALA A 320 13.42 10.46 -15.16
C ALA A 320 13.49 9.44 -16.29
N ALA A 321 12.37 9.09 -16.91
CA ALA A 321 12.33 8.10 -17.98
C ALA A 321 11.55 8.62 -19.17
N GLY A 322 11.85 9.84 -19.58
CA GLY A 322 11.16 10.48 -20.69
C GLY A 322 12.00 10.55 -21.95
N ILE A 323 11.31 10.61 -23.09
CA ILE A 323 11.94 10.74 -24.40
C ILE A 323 11.40 12.00 -25.07
N ASN A 324 12.21 12.58 -25.93
CA ASN A 324 11.88 13.86 -26.54
C ASN A 324 11.44 13.69 -28.00
N VAL A 325 10.29 14.29 -28.32
CA VAL A 325 9.80 14.37 -29.69
C VAL A 325 9.32 15.80 -29.91
N ALA A 326 9.05 16.14 -31.17
CA ALA A 326 8.73 17.53 -31.53
C ALA A 326 7.37 17.74 -32.18
N GLU A 327 6.94 16.88 -33.10
CA GLU A 327 5.69 17.10 -33.83
C GLU A 327 5.02 15.77 -34.11
N GLN A 328 3.77 15.64 -33.65
CA GLN A 328 3.02 14.40 -33.82
C GLN A 328 1.54 14.63 -33.54
N SER A 329 0.78 13.53 -33.40
CA SER A 329 -0.66 13.54 -33.17
C SER A 329 -1.42 14.10 -34.36
N ARG A 330 -1.29 13.46 -35.52
CA ARG A 330 -2.14 13.74 -36.68
C ARG A 330 -2.74 12.42 -37.16
N GLU A 331 -2.16 11.31 -36.68
CA GLU A 331 -2.59 9.94 -37.00
C GLU A 331 -2.21 9.56 -38.43
N CYS A 332 -1.70 10.52 -39.19
CA CYS A 332 -1.17 10.31 -40.55
C CYS A 332 -1.96 9.31 -41.38
N ASN A 340 9.44 9.57 -36.90
CA ASN A 340 8.82 9.39 -38.21
C ASN A 340 8.00 10.61 -38.60
N TYR A 341 7.23 10.47 -39.67
CA TYR A 341 6.35 11.53 -40.16
C TYR A 341 5.12 10.95 -40.83
N PRO A 342 5.21 9.79 -41.52
CA PRO A 342 3.99 9.06 -41.86
C PRO A 342 3.42 8.29 -40.68
N CYS A 343 3.88 8.66 -39.48
CA CYS A 343 3.45 8.10 -38.19
C CYS A 343 4.04 6.71 -37.97
N LYS A 344 4.42 6.41 -36.74
CA LYS A 344 4.90 5.07 -36.40
C LYS A 344 3.74 4.09 -36.51
N VAL A 345 3.72 3.29 -37.57
CA VAL A 345 2.63 2.35 -37.81
C VAL A 345 3.19 1.13 -38.53
N SER A 346 2.77 -0.05 -38.09
CA SER A 346 3.18 -1.32 -38.69
C SER A 346 2.01 -1.91 -39.48
N THR A 347 2.35 -2.88 -40.32
CA THR A 347 1.37 -3.59 -41.16
C THR A 347 1.59 -5.09 -41.05
N GLY A 348 1.72 -5.57 -39.83
CA GLY A 348 1.94 -6.99 -39.61
C GLY A 348 0.75 -7.83 -40.04
N ARG A 349 1.03 -9.09 -40.36
CA ARG A 349 0.02 -10.02 -40.84
C ARG A 349 -0.30 -11.10 -39.81
N HIS A 350 0.26 -11.01 -38.61
CA HIS A 350 0.00 -12.00 -37.56
C HIS A 350 -0.83 -11.35 -36.46
N PRO A 351 -2.10 -11.72 -36.29
CA PRO A 351 -2.94 -11.05 -35.31
C PRO A 351 -2.72 -11.57 -33.89
N ILE A 352 -3.16 -10.78 -32.91
CA ILE A 352 -3.00 -11.09 -31.50
C ILE A 352 -4.24 -10.59 -30.76
N SER A 353 -4.65 -11.31 -29.72
CA SER A 353 -5.88 -11.02 -28.98
C SER A 353 -5.53 -10.63 -27.55
N MET A 354 -5.98 -9.44 -27.15
CA MET A 354 -5.99 -9.01 -25.75
C MET A 354 -6.95 -7.84 -25.63
N VAL A 355 -7.00 -7.23 -24.45
CA VAL A 355 -7.93 -6.15 -24.15
C VAL A 355 -7.12 -4.88 -23.85
N ALA A 356 -7.47 -3.80 -24.53
CA ALA A 356 -6.86 -2.49 -24.30
C ALA A 356 -7.74 -1.74 -23.31
N LEU A 357 -7.41 -1.84 -22.03
CA LEU A 357 -8.22 -1.26 -20.95
C LEU A 357 -7.91 0.23 -20.84
N SER A 358 -8.52 1.03 -21.71
CA SER A 358 -8.43 2.47 -21.60
C SER A 358 -9.23 2.94 -20.37
N PRO A 359 -8.91 4.11 -19.83
CA PRO A 359 -9.61 4.58 -18.63
C PRO A 359 -11.13 4.67 -18.79
N LEU A 360 -11.62 5.00 -19.97
CA LEU A 360 -13.05 5.14 -20.22
C LEU A 360 -13.50 4.30 -21.41
N GLY A 361 -13.02 3.07 -21.48
CA GLY A 361 -13.46 2.17 -22.55
C GLY A 361 -12.55 0.96 -22.62
N ALA A 362 -12.72 0.21 -23.72
CA ALA A 362 -11.92 -0.99 -23.96
C ALA A 362 -11.99 -1.31 -25.44
N LEU A 363 -10.83 -1.62 -26.04
CA LEU A 363 -10.74 -1.93 -27.45
C LEU A 363 -10.06 -3.27 -27.65
N VAL A 364 -10.71 -4.16 -28.40
CA VAL A 364 -10.25 -5.54 -28.54
C VAL A 364 -10.34 -5.94 -30.00
N ALA A 365 -9.36 -6.72 -30.45
CA ALA A 365 -9.28 -7.21 -31.83
C ALA A 365 -9.08 -8.73 -31.83
N CYS A 366 -9.91 -9.42 -31.05
CA CYS A 366 -9.80 -10.88 -30.88
C CYS A 366 -10.55 -11.59 -31.99
N TYR A 367 -9.85 -11.89 -33.10
CA TYR A 367 -10.55 -12.70 -34.10
C TYR A 367 -10.21 -14.17 -33.96
N LYS A 368 -9.03 -14.56 -34.44
CA LYS A 368 -8.27 -15.77 -34.09
C LYS A 368 -9.08 -16.98 -33.66
N GLY A 369 -10.18 -17.27 -34.35
CA GLY A 369 -11.11 -18.31 -33.92
C GLY A 369 -11.35 -18.40 -32.43
N VAL A 370 -11.61 -17.27 -31.77
CA VAL A 370 -11.78 -17.22 -30.32
C VAL A 370 -13.18 -16.72 -29.98
N SER A 371 -13.50 -16.81 -28.70
CA SER A 371 -14.78 -16.36 -28.17
C SER A 371 -14.60 -15.08 -27.36
N CYS A 372 -15.40 -14.07 -27.67
CA CYS A 372 -15.37 -12.80 -26.97
C CYS A 372 -16.80 -12.33 -26.74
N SER A 373 -17.05 -11.74 -25.57
CA SER A 373 -18.41 -11.39 -25.17
C SER A 373 -18.38 -10.15 -24.29
N ILE A 374 -19.54 -9.79 -23.72
CA ILE A 374 -19.70 -8.61 -22.89
C ILE A 374 -20.41 -9.01 -21.61
N GLY A 375 -19.90 -8.51 -20.48
CA GLY A 375 -20.53 -8.76 -19.19
C GLY A 375 -21.20 -7.52 -18.61
N SER A 376 -22.01 -7.71 -17.57
CA SER A 376 -22.73 -6.62 -16.94
C SER A 376 -22.67 -6.77 -15.43
N ASN A 377 -22.85 -5.65 -14.72
CA ASN A 377 -22.82 -5.64 -13.27
C ASN A 377 -24.09 -6.19 -12.63
N ARG A 378 -25.14 -6.42 -13.41
CA ARG A 378 -26.37 -6.99 -12.88
C ARG A 378 -26.94 -8.14 -13.71
N VAL A 379 -26.58 -8.27 -14.99
CA VAL A 379 -27.09 -9.31 -15.86
C VAL A 379 -25.91 -10.18 -16.30
N GLY A 380 -26.15 -11.49 -16.38
CA GLY A 380 -25.11 -12.44 -16.69
C GLY A 380 -24.48 -12.27 -18.06
N ILE A 381 -25.24 -12.53 -19.11
CA ILE A 381 -24.74 -12.49 -20.48
C ILE A 381 -25.61 -11.55 -21.29
N ILE A 382 -25.03 -10.46 -21.78
CA ILE A 382 -25.71 -9.51 -22.66
C ILE A 382 -24.78 -9.12 -23.79
N LYS A 383 -25.32 -9.05 -25.01
CA LYS A 383 -24.63 -8.48 -26.16
C LYS A 383 -23.28 -9.16 -26.40
N GLN A 384 -23.37 -10.44 -26.79
CA GLN A 384 -22.17 -11.21 -27.10
C GLN A 384 -21.35 -10.50 -28.17
N LEU A 385 -20.06 -10.36 -27.91
CA LEU A 385 -19.21 -9.50 -28.73
C LEU A 385 -18.87 -10.18 -30.05
N PRO A 386 -19.16 -9.57 -31.18
CA PRO A 386 -18.61 -10.03 -32.46
C PRO A 386 -17.20 -9.46 -32.63
N LYS A 387 -16.53 -9.93 -33.67
CA LYS A 387 -15.17 -9.50 -33.97
C LYS A 387 -15.19 -8.25 -34.84
N GLY A 388 -14.03 -7.59 -34.93
CA GLY A 388 -13.92 -6.44 -35.80
C GLY A 388 -13.50 -5.12 -35.17
N CYS A 389 -12.69 -5.18 -34.10
CA CYS A 389 -12.23 -3.96 -33.42
C CYS A 389 -13.44 -3.16 -32.91
N SER A 390 -14.14 -3.72 -31.94
CA SER A 390 -15.49 -3.29 -31.59
C SER A 390 -15.55 -1.90 -30.98
N TYR A 391 -16.76 -1.47 -30.61
CA TYR A 391 -17.04 -0.13 -30.13
C TYR A 391 -17.87 -0.20 -28.86
N ILE A 392 -17.64 0.74 -27.93
CA ILE A 392 -18.27 0.68 -26.61
C ILE A 392 -18.34 2.07 -26.02
N THR A 393 -19.40 2.35 -25.25
CA THR A 393 -19.53 3.59 -24.47
C THR A 393 -19.55 3.18 -22.99
N ASN A 394 -18.37 3.03 -22.42
CA ASN A 394 -18.11 2.72 -21.01
C ASN A 394 -19.18 1.91 -20.30
N GLN A 395 -20.20 2.58 -19.79
CA GLN A 395 -21.18 1.99 -18.86
C GLN A 395 -21.91 0.78 -19.41
N ASP A 396 -21.87 0.58 -20.73
CA ASP A 396 -22.55 -0.57 -21.32
C ASP A 396 -21.99 -1.91 -20.83
N ALA A 397 -20.79 -1.93 -20.27
CA ALA A 397 -20.23 -3.16 -19.73
C ALA A 397 -19.28 -2.81 -18.60
N ASP A 398 -19.06 -3.78 -17.71
CA ASP A 398 -18.11 -3.64 -16.61
C ASP A 398 -17.04 -4.72 -16.59
N THR A 399 -17.22 -5.81 -17.34
CA THR A 399 -16.19 -6.84 -17.47
C THR A 399 -16.29 -7.42 -18.87
N VAL A 400 -15.13 -7.74 -19.44
CA VAL A 400 -15.04 -8.32 -20.79
C VAL A 400 -14.33 -9.66 -20.69
N THR A 401 -14.91 -10.66 -21.35
CA THR A 401 -14.41 -12.04 -21.29
C THR A 401 -13.90 -12.46 -22.65
N ILE A 402 -12.74 -13.10 -22.67
CA ILE A 402 -12.14 -13.65 -23.88
C ILE A 402 -11.69 -15.07 -23.54
N ASP A 403 -12.53 -16.05 -23.84
CA ASP A 403 -12.25 -17.47 -23.56
C ASP A 403 -12.00 -17.68 -22.06
N ASN A 404 -13.03 -17.36 -21.27
CA ASN A 404 -13.01 -17.56 -19.82
C ASN A 404 -11.86 -16.81 -19.15
N THR A 405 -11.63 -15.58 -19.58
CA THR A 405 -10.64 -14.70 -18.98
C THR A 405 -11.33 -13.48 -18.40
N VAL A 406 -10.94 -13.07 -17.21
CA VAL A 406 -11.58 -11.99 -16.48
C VAL A 406 -10.77 -10.71 -16.64
N TYR A 407 -11.41 -9.68 -17.17
CA TYR A 407 -10.82 -8.34 -17.25
C TYR A 407 -11.76 -7.35 -16.59
N GLN A 408 -11.19 -6.45 -15.79
CA GLN A 408 -11.97 -5.51 -14.99
C GLN A 408 -11.87 -4.11 -15.58
N LEU A 409 -13.00 -3.44 -15.71
CA LEU A 409 -13.05 -2.05 -16.15
C LEU A 409 -13.02 -1.13 -14.95
N SER A 410 -12.05 -0.21 -14.94
CA SER A 410 -11.96 0.78 -13.85
C SER A 410 -13.16 1.72 -13.92
N LYS A 411 -14.08 1.56 -12.97
CA LYS A 411 -15.35 2.30 -12.98
C LYS A 411 -15.14 3.60 -12.22
N VAL A 412 -14.83 4.66 -12.96
CA VAL A 412 -14.63 5.98 -12.36
C VAL A 412 -15.91 6.80 -12.46
N GLU B 1 -10.14 9.79 16.82
CA GLU B 1 -10.61 8.41 16.87
C GLU B 1 -11.69 8.18 15.81
N VAL B 2 -11.37 7.32 14.84
CA VAL B 2 -12.31 6.99 13.77
C VAL B 2 -13.30 5.95 14.28
N GLN B 3 -14.58 6.22 14.10
CA GLN B 3 -15.65 5.33 14.53
C GLN B 3 -16.51 4.96 13.34
N LEU B 4 -16.75 3.66 13.17
CA LEU B 4 -17.55 3.13 12.07
C LEU B 4 -18.77 2.41 12.63
N VAL B 5 -19.94 2.70 12.08
CA VAL B 5 -21.19 2.09 12.51
C VAL B 5 -21.87 1.50 11.27
N GLN B 6 -22.86 0.64 11.52
CA GLN B 6 -23.56 -0.07 10.46
C GLN B 6 -24.99 0.44 10.32
N SER B 7 -25.71 -0.17 9.38
CA SER B 7 -27.12 0.13 9.11
C SER B 7 -27.92 -1.17 9.23
N GLY B 8 -29.24 -1.05 9.16
CA GLY B 8 -30.10 -2.18 9.43
C GLY B 8 -30.88 -2.74 8.26
N ALA B 9 -30.57 -3.98 7.87
CA ALA B 9 -31.38 -4.76 6.93
C ALA B 9 -31.15 -6.23 7.30
N GLU B 10 -32.04 -6.77 8.12
CA GLU B 10 -31.79 -8.07 8.73
C GLU B 10 -32.18 -9.21 7.79
N VAL B 11 -33.45 -9.30 7.43
CA VAL B 11 -33.97 -10.41 6.63
C VAL B 11 -34.32 -9.89 5.24
N LYS B 12 -33.87 -10.60 4.21
CA LYS B 12 -34.16 -10.26 2.83
C LYS B 12 -34.52 -11.53 2.08
N LYS B 13 -35.69 -11.53 1.44
CA LYS B 13 -36.19 -12.73 0.78
C LYS B 13 -35.33 -13.08 -0.43
N PRO B 14 -35.27 -14.35 -0.81
CA PRO B 14 -34.49 -14.75 -1.98
C PRO B 14 -35.02 -14.07 -3.26
N GLY B 15 -34.10 -13.78 -4.16
CA GLY B 15 -34.44 -13.10 -5.39
C GLY B 15 -34.62 -11.60 -5.28
N GLU B 16 -34.32 -11.02 -4.12
CA GLU B 16 -34.45 -9.58 -3.88
C GLU B 16 -33.07 -8.95 -3.75
N SER B 17 -33.06 -7.66 -3.41
CA SER B 17 -31.84 -6.89 -3.27
C SER B 17 -31.70 -6.37 -1.85
N LEU B 18 -30.48 -6.38 -1.33
CA LEU B 18 -30.19 -5.90 0.01
C LEU B 18 -29.25 -4.70 -0.07
N ARG B 19 -29.43 -3.75 0.85
CA ARG B 19 -28.58 -2.57 0.90
C ARG B 19 -28.35 -2.16 2.34
N ILE B 20 -27.08 -1.93 2.69
CA ILE B 20 -26.68 -1.43 3.99
C ILE B 20 -25.69 -0.29 3.79
N SER B 21 -25.46 0.47 4.86
CA SER B 21 -24.54 1.60 4.80
C SER B 21 -23.67 1.61 6.05
N CYS B 22 -22.47 2.14 5.91
CA CYS B 22 -21.49 2.26 6.99
C CYS B 22 -21.13 3.73 7.13
N LYS B 23 -21.71 4.39 8.13
CA LYS B 23 -21.59 5.84 8.28
C LYS B 23 -20.29 6.17 9.00
N GLY B 24 -19.27 6.54 8.24
CA GLY B 24 -18.00 6.94 8.84
C GLY B 24 -18.13 8.28 9.54
N SER B 25 -17.45 8.40 10.68
CA SER B 25 -17.49 9.61 11.48
C SER B 25 -16.14 9.84 12.13
N GLY B 26 -15.89 11.10 12.50
CA GLY B 26 -14.65 11.47 13.16
C GLY B 26 -13.58 11.93 12.19
N TYR B 27 -13.23 11.07 11.23
CA TYR B 27 -12.21 11.39 10.25
C TYR B 27 -12.85 12.04 9.03
N ASP B 28 -12.04 12.33 8.01
CA ASP B 28 -12.51 12.88 6.75
C ASP B 28 -12.54 11.77 5.71
N PHE B 29 -13.48 11.87 4.77
CA PHE B 29 -13.65 10.80 3.78
C PHE B 29 -12.53 10.75 2.75
N PRO B 30 -12.21 11.83 2.01
CA PRO B 30 -11.25 11.67 0.90
C PRO B 30 -9.81 11.91 1.33
N SER B 31 -9.26 11.07 2.20
CA SER B 31 -7.83 11.14 2.49
C SER B 31 -7.17 9.77 2.32
N TYR B 32 -7.88 8.72 2.77
CA TYR B 32 -7.38 7.35 2.73
C TYR B 32 -8.53 6.42 2.35
N TRP B 33 -8.16 5.24 1.85
CA TRP B 33 -9.10 4.41 1.10
C TRP B 33 -9.91 3.50 2.03
N ILE B 34 -11.08 3.07 1.55
CA ILE B 34 -12.10 2.38 2.35
C ILE B 34 -12.52 1.10 1.64
N SER B 35 -12.95 0.10 2.41
CA SER B 35 -13.23 -1.22 1.85
C SER B 35 -14.28 -1.93 2.70
N TRP B 36 -14.83 -3.02 2.13
CA TRP B 36 -15.78 -3.90 2.81
C TRP B 36 -15.18 -5.29 2.97
N VAL B 37 -15.84 -6.12 3.78
CA VAL B 37 -15.44 -7.51 3.97
C VAL B 37 -16.59 -8.25 4.62
N ARG B 38 -16.63 -9.57 4.43
CA ARG B 38 -17.76 -10.38 4.88
C ARG B 38 -17.27 -11.72 5.43
N GLN B 39 -18.13 -12.36 6.22
CA GLN B 39 -17.81 -13.63 6.87
C GLN B 39 -19.08 -14.42 7.08
N MET B 40 -19.25 -15.52 6.35
CA MET B 40 -20.33 -16.45 6.66
C MET B 40 -19.94 -17.29 7.87
N PRO B 41 -20.91 -17.72 8.68
CA PRO B 41 -20.57 -18.42 9.93
C PRO B 41 -19.89 -19.76 9.68
N GLY B 42 -18.95 -20.10 10.55
CA GLY B 42 -18.26 -21.37 10.44
C GLY B 42 -17.22 -21.44 9.35
N LYS B 43 -16.62 -20.31 9.00
CA LYS B 43 -15.60 -20.27 7.95
C LYS B 43 -14.68 -19.09 8.23
N GLY B 44 -13.83 -18.77 7.27
CA GLY B 44 -12.89 -17.67 7.37
C GLY B 44 -13.35 -16.46 6.57
N LEU B 45 -12.78 -15.31 6.92
CA LEU B 45 -13.11 -14.07 6.22
C LEU B 45 -12.75 -14.17 4.75
N GLU B 46 -13.58 -13.56 3.90
CA GLU B 46 -13.25 -13.38 2.49
C GLU B 46 -13.50 -11.94 2.09
N TRP B 47 -12.65 -11.45 1.20
CA TRP B 47 -12.69 -10.08 0.73
C TRP B 47 -13.75 -9.90 -0.34
N MET B 48 -14.39 -8.72 -0.34
CA MET B 48 -15.48 -8.43 -1.26
C MET B 48 -15.19 -7.25 -2.18
N GLY B 49 -14.83 -6.10 -1.64
CA GLY B 49 -14.66 -4.92 -2.47
C GLY B 49 -13.86 -3.85 -1.76
N ARG B 50 -13.59 -2.77 -2.48
CA ARG B 50 -12.70 -1.72 -1.97
C ARG B 50 -12.81 -0.51 -2.89
N ILE B 51 -12.46 0.66 -2.35
CA ILE B 51 -12.38 1.90 -3.10
C ILE B 51 -11.04 2.53 -2.79
N ASP B 52 -10.10 2.44 -3.73
CA ASP B 52 -8.76 2.95 -3.54
C ASP B 52 -8.86 4.48 -3.39
N PRO B 53 -7.86 5.15 -2.75
CA PRO B 53 -8.14 6.46 -2.13
C PRO B 53 -8.86 7.47 -3.01
N THR B 54 -8.24 7.81 -4.14
CA THR B 54 -8.88 8.67 -5.12
C THR B 54 -8.89 8.04 -6.50
N ASP B 55 -8.30 6.85 -6.66
CA ASP B 55 -8.32 6.15 -7.94
C ASP B 55 -9.74 5.83 -8.38
N SER B 56 -10.67 5.71 -7.42
CA SER B 56 -12.03 5.26 -7.70
C SER B 56 -12.04 3.94 -8.46
N ASN B 57 -11.05 3.08 -8.16
CA ASN B 57 -10.94 1.80 -8.82
C ASN B 57 -12.19 0.95 -8.59
N THR B 58 -12.78 1.05 -7.40
CA THR B 58 -13.98 0.31 -7.02
C THR B 58 -13.89 -1.16 -7.41
N ASN B 59 -12.72 -1.75 -7.23
CA ASN B 59 -12.49 -3.12 -7.65
C ASN B 59 -13.30 -4.09 -6.79
N TYR B 60 -13.61 -5.24 -7.37
CA TYR B 60 -14.34 -6.29 -6.68
C TYR B 60 -13.61 -7.61 -6.85
N SER B 61 -13.98 -8.59 -6.02
CA SER B 61 -13.41 -9.91 -6.16
C SER B 61 -13.83 -10.51 -7.50
N PRO B 62 -12.94 -11.23 -8.19
CA PRO B 62 -13.30 -11.76 -9.52
C PRO B 62 -14.51 -12.68 -9.50
N SER B 63 -14.66 -13.50 -8.45
CA SER B 63 -15.76 -14.44 -8.41
C SER B 63 -17.10 -13.73 -8.27
N PHE B 64 -17.19 -12.79 -7.33
CA PHE B 64 -18.44 -12.07 -7.09
C PHE B 64 -18.51 -10.77 -7.90
N GLN B 65 -18.26 -10.88 -9.19
CA GLN B 65 -18.31 -9.76 -10.10
C GLN B 65 -19.56 -9.86 -10.98
N GLY B 66 -20.06 -8.70 -11.38
CA GLY B 66 -21.36 -8.67 -12.02
C GLY B 66 -22.49 -8.88 -11.06
N HIS B 67 -22.25 -8.66 -9.77
CA HIS B 67 -23.26 -8.88 -8.74
C HIS B 67 -23.31 -7.78 -7.70
N VAL B 68 -22.31 -6.89 -7.63
CA VAL B 68 -22.21 -5.88 -6.58
C VAL B 68 -21.96 -4.52 -7.21
N THR B 69 -22.36 -3.47 -6.51
CA THR B 69 -22.24 -2.10 -7.02
C THR B 69 -21.76 -1.16 -5.90
N LEU B 70 -20.67 -1.54 -5.23
CA LEU B 70 -20.05 -0.71 -4.21
C LEU B 70 -19.85 0.72 -4.69
N SER B 71 -20.26 1.68 -3.88
CA SER B 71 -20.22 3.08 -4.25
C SER B 71 -20.07 3.96 -3.03
N ALA B 72 -19.31 5.04 -3.17
CA ALA B 72 -19.11 6.01 -2.11
C ALA B 72 -19.98 7.25 -2.34
N ASP B 73 -19.99 8.13 -1.35
CA ASP B 73 -20.81 9.34 -1.41
C ASP B 73 -20.17 10.40 -0.52
N LYS B 74 -19.55 11.41 -1.14
CA LYS B 74 -18.84 12.44 -0.39
C LYS B 74 -19.77 13.40 0.35
N SER B 75 -21.08 13.33 0.10
CA SER B 75 -22.00 14.35 0.61
C SER B 75 -21.99 14.40 2.14
N ILE B 76 -22.39 13.31 2.78
CA ILE B 76 -22.51 13.29 4.23
C ILE B 76 -21.61 12.20 4.81
N SER B 77 -20.52 11.90 4.11
CA SER B 77 -19.53 10.93 4.56
C SER B 77 -20.16 9.56 4.83
N THR B 78 -20.68 8.96 3.76
CA THR B 78 -21.38 7.69 3.87
C THR B 78 -20.99 6.80 2.69
N ALA B 79 -20.94 5.49 2.95
CA ALA B 79 -20.73 4.50 1.90
C ALA B 79 -21.82 3.45 1.95
N TYR B 80 -22.34 3.09 0.77
CA TYR B 80 -23.39 2.09 0.66
C TYR B 80 -22.90 0.89 -0.12
N LEU B 81 -23.52 -0.26 0.15
CA LEU B 81 -23.29 -1.49 -0.61
C LEU B 81 -24.64 -2.05 -1.00
N GLN B 82 -24.81 -2.34 -2.29
CA GLN B 82 -26.08 -2.82 -2.84
C GLN B 82 -25.86 -4.13 -3.55
N TRP B 83 -26.74 -5.10 -3.28
CA TRP B 83 -26.65 -6.43 -3.86
C TRP B 83 -27.66 -6.59 -4.99
N SER B 84 -27.28 -7.37 -6.01
CA SER B 84 -28.16 -7.55 -7.16
C SER B 84 -29.18 -8.66 -6.92
N SER B 85 -28.71 -9.88 -6.71
CA SER B 85 -29.59 -11.06 -6.60
C SER B 85 -29.15 -11.89 -5.40
N LEU B 86 -30.01 -11.94 -4.38
CA LEU B 86 -29.68 -12.68 -3.16
C LEU B 86 -30.03 -14.16 -3.33
N LYS B 87 -29.12 -15.02 -2.89
CA LYS B 87 -29.31 -16.46 -2.96
C LYS B 87 -29.43 -17.01 -1.53
N ALA B 88 -29.61 -18.33 -1.41
CA ALA B 88 -29.75 -18.98 -0.12
C ALA B 88 -28.40 -19.39 0.48
N SER B 89 -27.32 -18.75 0.05
CA SER B 89 -25.98 -19.07 0.54
C SER B 89 -25.20 -17.86 1.03
N ASP B 90 -25.72 -16.64 0.82
CA ASP B 90 -25.00 -15.43 1.14
C ASP B 90 -25.23 -14.96 2.56
N THR B 91 -25.91 -15.76 3.40
CA THR B 91 -26.07 -15.39 4.80
C THR B 91 -24.71 -15.30 5.48
N ALA B 92 -24.49 -14.23 6.20
CA ALA B 92 -23.16 -13.92 6.73
C ALA B 92 -23.27 -12.74 7.69
N ILE B 93 -22.11 -12.33 8.21
CA ILE B 93 -21.95 -11.08 8.93
C ILE B 93 -21.12 -10.15 8.06
N TYR B 94 -21.57 -8.91 7.92
CA TYR B 94 -20.94 -7.95 7.01
C TYR B 94 -20.22 -6.88 7.82
N TYR B 95 -18.91 -6.74 7.58
CA TYR B 95 -18.07 -5.78 8.28
C TYR B 95 -17.71 -4.65 7.33
N CYS B 96 -17.75 -3.42 7.81
CA CYS B 96 -17.18 -2.29 7.09
C CYS B 96 -15.88 -1.90 7.76
N ALA B 97 -14.83 -1.75 6.96
CA ALA B 97 -13.48 -1.57 7.50
C ALA B 97 -12.74 -0.50 6.72
N ARG B 98 -11.98 0.32 7.43
CA ARG B 98 -11.16 1.34 6.81
C ARG B 98 -9.83 0.75 6.36
N HIS B 99 -9.03 1.56 5.68
CA HIS B 99 -7.66 1.20 5.37
C HIS B 99 -6.76 2.31 5.94
N SER B 100 -5.48 2.28 5.64
CA SER B 100 -4.55 3.17 6.33
C SER B 100 -3.54 3.73 5.34
N ASP B 101 -2.64 4.56 5.87
CA ASP B 101 -1.57 5.19 5.12
C ASP B 101 -0.41 4.23 4.92
N SER B 102 0.76 4.76 4.54
CA SER B 102 1.99 4.01 4.45
C SER B 102 1.94 2.99 3.32
N TRP B 103 2.76 1.94 3.41
CA TRP B 103 2.98 1.04 2.28
C TRP B 103 2.44 -0.37 2.46
N SER B 104 2.11 -0.79 3.68
CA SER B 104 1.73 -2.17 3.92
C SER B 104 0.24 -2.42 3.84
N TYR B 105 -0.58 -1.37 3.71
CA TYR B 105 -2.03 -1.49 3.53
C TYR B 105 -2.66 -2.37 4.61
N TYR B 106 -2.60 -1.87 5.83
CA TYR B 106 -3.14 -2.59 6.98
C TYR B 106 -4.51 -2.05 7.36
N GLU B 107 -5.50 -2.94 7.42
CA GLU B 107 -6.87 -2.55 7.76
C GLU B 107 -6.99 -2.42 9.28
N ASP B 108 -7.39 -1.23 9.72
CA ASP B 108 -7.58 -0.97 11.15
C ASP B 108 -8.85 -0.16 11.32
N SER B 109 -9.32 -0.07 12.58
CA SER B 109 -10.55 0.61 12.93
C SER B 109 -11.75 0.02 12.19
N TRP B 110 -12.02 -1.24 12.51
CA TRP B 110 -13.10 -1.99 11.89
C TRP B 110 -14.45 -1.51 12.42
N GLY B 111 -15.51 -2.20 12.03
CA GLY B 111 -16.86 -1.87 12.45
C GLY B 111 -17.42 -2.87 13.44
N GLN B 112 -18.66 -2.59 13.87
CA GLN B 112 -19.28 -3.41 14.89
C GLN B 112 -19.78 -4.75 14.36
N GLY B 113 -20.20 -4.81 13.11
CA GLY B 113 -20.67 -6.05 12.52
C GLY B 113 -22.17 -6.23 12.58
N THR B 114 -22.78 -6.58 11.44
CA THR B 114 -24.22 -6.75 11.35
C THR B 114 -24.54 -8.08 10.68
N LEU B 115 -25.50 -8.80 11.24
CA LEU B 115 -25.91 -10.10 10.72
C LEU B 115 -27.02 -9.92 9.69
N VAL B 116 -26.89 -10.61 8.56
CA VAL B 116 -27.86 -10.58 7.48
C VAL B 116 -28.21 -12.01 7.11
N THR B 117 -29.50 -12.34 7.10
CA THR B 117 -29.98 -13.69 6.84
C THR B 117 -30.88 -13.69 5.62
N VAL B 118 -30.94 -14.84 4.96
CA VAL B 118 -31.85 -15.07 3.84
C VAL B 118 -32.82 -16.18 4.23
N SER B 119 -34.09 -15.97 3.95
CA SER B 119 -35.13 -16.92 4.34
C SER B 119 -36.41 -16.57 3.59
N SER B 120 -37.36 -17.50 3.64
CA SER B 120 -38.65 -17.30 3.00
C SER B 120 -39.58 -16.49 3.90
N ASP C 1 -5.42 -15.27 -8.93
CA ASP C 1 -5.63 -15.08 -7.50
C ASP C 1 -4.45 -15.62 -6.71
N ILE C 2 -4.16 -14.97 -5.58
CA ILE C 2 -3.05 -15.36 -4.72
C ILE C 2 -3.64 -16.20 -3.60
N GLN C 3 -3.66 -17.52 -3.80
CA GLN C 3 -4.16 -18.42 -2.78
C GLN C 3 -3.23 -18.45 -1.57
N MET C 4 -3.81 -18.71 -0.40
CA MET C 4 -3.04 -18.88 0.82
C MET C 4 -3.43 -20.17 1.52
N THR C 5 -2.44 -20.91 1.99
CA THR C 5 -2.62 -22.11 2.79
C THR C 5 -2.06 -21.87 4.17
N GLN C 6 -2.85 -22.18 5.20
CA GLN C 6 -2.46 -21.96 6.58
C GLN C 6 -2.33 -23.30 7.30
N SER C 7 -1.33 -23.40 8.17
CA SER C 7 -1.08 -24.65 8.89
C SER C 7 -0.37 -24.34 10.19
N PRO C 8 -0.69 -25.05 11.29
CA PRO C 8 -1.71 -26.11 11.40
C PRO C 8 -3.11 -25.52 11.57
N SER C 9 -4.15 -26.31 11.29
CA SER C 9 -5.52 -25.79 11.36
C SER C 9 -5.91 -25.42 12.79
N SER C 10 -5.57 -26.25 13.75
CA SER C 10 -5.89 -25.98 15.15
C SER C 10 -4.84 -26.64 16.04
N LEU C 11 -4.55 -25.99 17.16
CA LEU C 11 -3.53 -26.49 18.08
C LEU C 11 -3.88 -26.05 19.48
N SER C 12 -3.29 -26.75 20.45
CA SER C 12 -3.46 -26.44 21.87
C SER C 12 -2.10 -26.39 22.54
N ALA C 13 -1.93 -25.44 23.46
CA ALA C 13 -0.66 -25.27 24.15
C ALA C 13 -0.92 -24.74 25.55
N SER C 14 0.02 -25.03 26.44
CA SER C 14 -0.08 -24.58 27.83
C SER C 14 0.36 -23.12 27.94
N VAL C 15 0.12 -22.54 29.11
CA VAL C 15 0.55 -21.17 29.36
C VAL C 15 2.08 -21.14 29.48
N GLY C 16 2.67 -20.05 29.02
CA GLY C 16 4.12 -19.96 29.00
C GLY C 16 4.80 -20.89 28.02
N ASP C 17 4.17 -21.17 26.88
CA ASP C 17 4.70 -22.09 25.89
C ASP C 17 4.73 -21.39 24.53
N ARG C 18 5.84 -21.55 23.82
CA ARG C 18 6.02 -20.93 22.51
C ARG C 18 5.09 -21.60 21.50
N VAL C 19 4.43 -20.77 20.68
CA VAL C 19 3.48 -21.22 19.68
C VAL C 19 3.87 -20.62 18.34
N THR C 20 3.89 -21.45 17.30
CA THR C 20 4.24 -21.01 15.95
C THR C 20 3.09 -21.29 14.99
N ILE C 21 2.82 -20.33 14.11
CA ILE C 21 1.82 -20.46 13.05
C ILE C 21 2.47 -20.03 11.75
N THR C 22 2.32 -20.85 10.70
CA THR C 22 2.98 -20.61 9.43
C THR C 22 1.95 -20.37 8.33
N CYS C 23 2.15 -19.30 7.57
CA CYS C 23 1.34 -19.00 6.40
C CYS C 23 2.20 -19.10 5.15
N ARG C 24 1.67 -19.73 4.11
CA ARG C 24 2.38 -19.93 2.86
C ARG C 24 1.61 -19.29 1.71
N ALA C 25 2.34 -18.62 0.83
CA ALA C 25 1.75 -17.92 -0.31
C ALA C 25 2.08 -18.65 -1.61
N SER C 26 1.12 -18.62 -2.53
CA SER C 26 1.30 -19.31 -3.79
C SER C 26 2.43 -18.73 -4.61
N GLN C 27 2.53 -17.40 -4.68
CA GLN C 27 3.59 -16.72 -5.40
C GLN C 27 4.18 -15.63 -4.53
N SER C 28 5.36 -15.14 -4.92
CA SER C 28 6.08 -14.16 -4.12
C SER C 28 5.29 -12.87 -3.99
N ILE C 29 5.25 -12.33 -2.77
CA ILE C 29 4.56 -11.08 -2.50
C ILE C 29 5.49 -10.14 -1.74
N SER C 30 6.80 -10.38 -1.87
CA SER C 30 7.85 -9.57 -1.22
C SER C 30 7.57 -9.52 0.28
N THR C 31 7.33 -8.35 0.87
CA THR C 31 7.12 -8.23 2.31
C THR C 31 5.78 -7.58 2.64
N TYR C 32 4.82 -7.62 1.72
CA TYR C 32 3.49 -7.05 1.96
C TYR C 32 2.62 -8.14 2.58
N LEU C 33 2.32 -8.01 3.87
CA LEU C 33 1.62 -9.05 4.60
C LEU C 33 1.13 -8.48 5.92
N ASN C 34 -0.05 -8.94 6.35
CA ASN C 34 -0.62 -8.53 7.62
C ASN C 34 -1.14 -9.76 8.36
N TRP C 35 -1.22 -9.63 9.67
CA TRP C 35 -1.82 -10.66 10.52
C TRP C 35 -3.01 -10.04 11.25
N TYR C 36 -3.83 -10.90 11.84
CA TYR C 36 -5.05 -10.45 12.50
C TYR C 36 -5.39 -11.37 13.66
N GLN C 37 -6.16 -10.82 14.61
CA GLN C 37 -6.68 -11.57 15.75
C GLN C 37 -8.16 -11.29 15.88
N GLN C 38 -8.96 -12.34 15.94
CA GLN C 38 -10.42 -12.21 16.04
C GLN C 38 -10.91 -13.07 17.19
N LYS C 39 -11.30 -12.43 18.29
CA LYS C 39 -11.99 -13.14 19.35
C LYS C 39 -13.41 -13.47 18.91
N PRO C 40 -14.02 -14.52 19.46
CA PRO C 40 -15.36 -14.91 19.01
C PRO C 40 -16.38 -13.80 19.22
N GLY C 41 -17.13 -13.50 18.18
CA GLY C 41 -18.19 -12.50 18.26
C GLY C 41 -17.73 -11.07 18.34
N LYS C 42 -16.55 -10.76 17.78
CA LYS C 42 -16.02 -9.40 17.81
C LYS C 42 -15.31 -9.11 16.51
N ALA C 43 -15.05 -7.82 16.29
CA ALA C 43 -14.32 -7.41 15.09
C ALA C 43 -12.83 -7.70 15.26
N PRO C 44 -12.15 -8.10 14.20
CA PRO C 44 -10.71 -8.35 14.29
C PRO C 44 -9.94 -7.07 14.60
N LYS C 45 -8.80 -7.24 15.27
CA LYS C 45 -7.91 -6.14 15.60
C LYS C 45 -6.54 -6.44 15.01
N LEU C 46 -5.92 -5.41 14.43
CA LEU C 46 -4.64 -5.60 13.75
C LEU C 46 -3.54 -5.93 14.75
N LEU C 47 -2.65 -6.85 14.37
CA LEU C 47 -1.53 -7.25 15.21
C LEU C 47 -0.18 -6.88 14.60
N ILE C 48 0.12 -7.36 13.40
CA ILE C 48 1.42 -7.16 12.78
C ILE C 48 1.21 -6.80 11.32
N TYR C 49 1.87 -5.74 10.87
CA TYR C 49 1.86 -5.36 9.46
C TYR C 49 3.29 -5.35 8.94
N ALA C 50 3.43 -5.52 7.62
CA ALA C 50 4.72 -5.60 6.94
C ALA C 50 5.52 -6.84 7.35
N ALA C 51 4.86 -7.79 8.02
CA ALA C 51 5.40 -9.08 8.43
C ALA C 51 6.46 -8.97 9.51
N SER C 52 6.88 -7.77 9.89
CA SER C 52 7.88 -7.60 10.94
C SER C 52 7.57 -6.50 11.94
N SER C 53 6.72 -5.53 11.60
CA SER C 53 6.49 -4.37 12.45
C SER C 53 5.59 -4.75 13.62
N LEU C 54 5.09 -3.75 14.33
CA LEU C 54 4.22 -3.97 15.48
C LEU C 54 3.31 -2.76 15.63
N GLN C 55 2.02 -2.92 15.34
CA GLN C 55 1.09 -1.81 15.42
C GLN C 55 0.88 -1.39 16.86
N SER C 56 0.48 -0.13 17.04
CA SER C 56 0.37 0.46 18.37
C SER C 56 -0.69 -0.27 19.21
N GLY C 57 -0.52 -0.16 20.52
CA GLY C 57 -1.47 -0.79 21.44
C GLY C 57 -1.47 -2.30 21.37
N VAL C 58 -0.29 -2.92 21.31
CA VAL C 58 -0.17 -4.36 21.22
C VAL C 58 0.97 -4.83 22.13
N PRO C 59 0.78 -5.88 22.92
CA PRO C 59 1.87 -6.37 23.77
C PRO C 59 3.04 -6.86 22.93
N SER C 60 4.24 -6.74 23.49
CA SER C 60 5.47 -6.97 22.74
C SER C 60 5.87 -8.42 22.64
N ARG C 61 4.95 -9.36 22.82
CA ARG C 61 5.24 -10.78 22.62
C ARG C 61 4.80 -11.29 21.26
N PHE C 62 4.22 -10.44 20.42
CA PHE C 62 3.78 -10.83 19.08
C PHE C 62 4.84 -10.37 18.08
N SER C 63 5.69 -11.30 17.66
CA SER C 63 6.77 -11.02 16.73
C SER C 63 6.64 -11.90 15.50
N GLY C 64 6.83 -11.31 14.32
CA GLY C 64 6.72 -12.04 13.08
C GLY C 64 8.03 -12.09 12.31
N ARG C 65 8.18 -13.10 11.45
CA ARG C 65 9.41 -13.31 10.69
C ARG C 65 9.06 -13.60 9.24
N LEU C 66 9.88 -13.08 8.32
CA LEU C 66 9.73 -13.33 6.90
C LEU C 66 10.88 -14.18 6.39
N SER C 67 10.58 -15.08 5.45
CA SER C 67 11.61 -15.88 4.78
C SER C 67 11.12 -16.13 3.36
N GLY C 68 11.52 -15.26 2.44
CA GLY C 68 11.12 -15.38 1.05
C GLY C 68 9.61 -15.29 0.86
N THR C 69 8.99 -16.43 0.54
CA THR C 69 7.54 -16.52 0.37
C THR C 69 6.88 -17.25 1.53
N ASP C 70 7.57 -17.38 2.66
CA ASP C 70 7.04 -18.04 3.84
C ASP C 70 7.03 -17.06 5.00
N PHE C 71 5.94 -17.05 5.76
CA PHE C 71 5.79 -16.15 6.90
C PHE C 71 5.43 -16.96 8.14
N THR C 72 5.72 -16.39 9.30
CA THR C 72 5.52 -17.11 10.55
C THR C 72 5.24 -16.12 11.68
N LEU C 73 4.22 -16.43 12.47
CA LEU C 73 3.92 -15.71 13.71
C LEU C 73 4.34 -16.57 14.88
N THR C 74 5.04 -15.97 15.84
CA THR C 74 5.56 -16.70 17.00
C THR C 74 5.19 -15.91 18.25
N ILE C 75 4.27 -16.46 19.04
CA ILE C 75 3.92 -15.86 20.31
C ILE C 75 4.98 -16.24 21.34
N SER C 76 5.60 -15.22 21.95
CA SER C 76 6.71 -15.47 22.86
C SER C 76 6.24 -16.25 24.09
N SER C 77 5.09 -15.88 24.65
CA SER C 77 4.60 -16.52 25.87
C SER C 77 3.08 -16.49 25.84
N LEU C 78 2.46 -17.67 25.75
CA LEU C 78 1.01 -17.74 25.73
C LEU C 78 0.43 -17.27 27.05
N GLN C 79 -0.72 -16.62 27.00
CA GLN C 79 -1.40 -16.07 28.16
C GLN C 79 -2.87 -16.47 28.11
N PRO C 80 -3.54 -16.52 29.26
CA PRO C 80 -4.96 -16.90 29.26
C PRO C 80 -5.86 -15.96 28.47
N GLU C 81 -5.41 -14.72 28.22
CA GLU C 81 -6.18 -13.76 27.44
C GLU C 81 -5.90 -13.84 25.95
N ASP C 82 -5.47 -15.00 25.46
CA ASP C 82 -5.07 -15.15 24.07
C ASP C 82 -5.77 -16.34 23.42
N PHE C 83 -7.08 -16.43 23.59
CA PHE C 83 -7.89 -17.44 22.91
C PHE C 83 -8.66 -16.75 21.78
N ALA C 84 -8.26 -17.03 20.55
CA ALA C 84 -8.87 -16.40 19.37
C ALA C 84 -8.43 -17.18 18.14
N THR C 85 -8.71 -16.62 16.97
CA THR C 85 -8.32 -17.19 15.69
C THR C 85 -7.50 -16.17 14.92
N TYR C 86 -6.36 -16.60 14.39
CA TYR C 86 -5.42 -15.70 13.73
C TYR C 86 -5.42 -15.94 12.23
N TYR C 87 -5.55 -14.86 11.46
CA TYR C 87 -5.56 -14.91 10.01
C TYR C 87 -4.30 -14.24 9.46
N CYS C 88 -4.06 -14.46 8.17
CA CYS C 88 -3.00 -13.76 7.44
C CYS C 88 -3.52 -13.32 6.08
N GLN C 89 -3.18 -12.10 5.69
CA GLN C 89 -3.71 -11.49 4.49
C GLN C 89 -2.61 -10.79 3.73
N GLN C 90 -2.64 -10.87 2.40
CA GLN C 90 -1.69 -10.19 1.54
C GLN C 90 -2.27 -8.91 0.98
N THR C 91 -1.39 -7.97 0.66
CA THR C 91 -1.78 -6.68 0.12
C THR C 91 -0.83 -6.26 -1.00
N TYR C 92 -0.53 -7.18 -1.91
CA TYR C 92 0.39 -6.88 -3.00
C TYR C 92 -0.17 -5.78 -3.90
N SER C 93 -1.41 -5.92 -4.32
CA SER C 93 -2.11 -4.93 -5.15
C SER C 93 -3.58 -5.32 -5.15
N SER C 94 -4.36 -4.72 -6.04
CA SER C 94 -5.73 -5.17 -6.22
C SER C 94 -5.73 -6.57 -6.84
N PRO C 95 -6.41 -7.55 -6.21
CA PRO C 95 -7.19 -7.50 -4.98
C PRO C 95 -6.48 -8.14 -3.79
N ARG C 96 -7.16 -8.26 -2.66
CA ARG C 96 -6.63 -8.83 -1.44
C ARG C 96 -7.40 -10.09 -1.05
N THR C 97 -6.71 -11.02 -0.39
CA THR C 97 -7.32 -12.28 0.02
C THR C 97 -6.88 -12.63 1.43
N PHE C 98 -7.64 -13.50 2.08
CA PHE C 98 -7.39 -13.93 3.44
C PHE C 98 -6.97 -15.40 3.45
N GLY C 99 -6.83 -15.95 4.65
CA GLY C 99 -6.52 -17.35 4.84
C GLY C 99 -7.66 -18.11 5.50
N GLN C 100 -7.43 -19.42 5.67
CA GLN C 100 -8.47 -20.27 6.24
C GLN C 100 -8.60 -20.09 7.75
N GLY C 101 -7.53 -19.75 8.44
CA GLY C 101 -7.60 -19.47 9.86
C GLY C 101 -7.08 -20.58 10.75
N THR C 102 -6.42 -20.20 11.84
CA THR C 102 -5.86 -21.13 12.81
C THR C 102 -6.45 -20.85 14.18
N LYS C 103 -6.90 -21.89 14.86
CA LYS C 103 -7.53 -21.77 16.17
C LYS C 103 -6.56 -22.19 17.26
N VAL C 104 -6.43 -21.36 18.28
CA VAL C 104 -5.49 -21.59 19.39
C VAL C 104 -6.29 -21.78 20.66
N GLU C 105 -6.06 -22.90 21.34
CA GLU C 105 -6.72 -23.21 22.60
C GLU C 105 -5.68 -23.33 23.71
N ILE C 106 -6.10 -23.02 24.93
CA ILE C 106 -5.22 -23.06 26.09
C ILE C 106 -5.66 -24.18 27.02
N LYS C 107 -4.73 -24.65 27.83
CA LYS C 107 -4.98 -25.74 28.77
C LYS C 107 -5.02 -25.24 30.21
#